data_3G66
#
_entry.id   3G66
#
_cell.length_a   48.911
_cell.length_b   96.857
_cell.length_c   98.866
_cell.angle_alpha   90.00
_cell.angle_beta   90.00
_cell.angle_gamma   90.00
#
_symmetry.space_group_name_H-M   'P 21 21 21'
#
loop_
_entity.id
_entity.type
_entity.pdbx_description
1 polymer 'Sortase C'
2 non-polymer '2-(N-MORPHOLINO)-ETHANESULFONIC ACID'
3 water water
#
_entity_poly.entity_id   1
_entity_poly.type   'polypeptide(L)'
_entity_poly.pdbx_seq_one_letter_code
;SNEVIKEFDETVSQMDKAELEERWRLAQAFNATLKPSEILDPFTEQEKKKGVSEYANMLKVHERIGYVEIPAIDQEIPMY
VGTSEDILQKGAGLLEGASLPVGGENTHTVITAHRGLPTAELFSQLDKMKKGDIFYLHVLDQVLAYQVDQIVTVEPNDFE
PVLIQHGEDYATLLTCTPYMINSHRLLVRGKRIPYTAPIAERNRAVRERGQF
;
_entity_poly.pdbx_strand_id   A,B
#
loop_
_chem_comp.id
_chem_comp.type
_chem_comp.name
_chem_comp.formula
MES non-polymer '2-(N-MORPHOLINO)-ETHANESULFONIC ACID' 'C6 H13 N O4 S'
#
# COMPACT_ATOMS: atom_id res chain seq x y z
N ASN A 2 2.00 9.66 -15.46
CA ASN A 2 2.79 9.03 -16.57
C ASN A 2 4.05 9.83 -16.91
N GLU A 3 4.08 10.51 -18.05
CA GLU A 3 5.23 11.35 -18.41
C GLU A 3 5.45 12.48 -17.41
N VAL A 4 4.36 13.10 -17.00
CA VAL A 4 4.42 14.23 -16.06
C VAL A 4 4.98 13.77 -14.70
N ILE A 5 4.52 12.61 -14.24
CA ILE A 5 5.01 12.09 -12.96
C ILE A 5 6.50 11.71 -12.97
N LYS A 6 6.93 11.08 -14.05
CA LYS A 6 8.34 10.77 -14.28
C LYS A 6 9.19 12.04 -14.32
N GLU A 7 8.69 13.06 -15.00
CA GLU A 7 9.39 14.35 -15.13
CA GLU A 7 9.40 14.36 -15.12
C GLU A 7 9.54 15.00 -13.75
N PHE A 8 8.46 14.97 -12.98
CA PHE A 8 8.51 15.54 -11.65
C PHE A 8 9.60 14.87 -10.79
N ASP A 9 9.57 13.55 -10.68
CA ASP A 9 10.50 12.84 -9.82
C ASP A 9 11.93 13.02 -10.33
N GLU A 10 12.09 13.11 -11.66
CA GLU A 10 13.41 13.33 -12.27
C GLU A 10 13.95 14.69 -11.87
N THR A 11 13.11 15.71 -11.96
CA THR A 11 13.54 17.06 -11.57
C THR A 11 13.91 17.14 -10.10
N VAL A 12 13.05 16.60 -9.24
CA VAL A 12 13.33 16.64 -7.82
C VAL A 12 14.66 15.96 -7.47
N SER A 13 14.96 14.83 -8.12
CA SER A 13 16.20 14.11 -7.82
C SER A 13 17.45 14.93 -8.20
N GLN A 14 17.27 15.93 -9.04
CA GLN A 14 18.38 16.83 -9.41
CA GLN A 14 18.34 16.87 -9.46
C GLN A 14 18.47 18.09 -8.54
N MET A 15 17.46 18.31 -7.68
CA MET A 15 17.49 19.48 -6.83
C MET A 15 18.43 19.36 -5.63
N ASP A 16 18.86 20.53 -5.16
CA ASP A 16 19.73 20.73 -4.01
CA ASP A 16 19.75 20.59 -4.02
C ASP A 16 19.08 20.24 -2.71
N LYS A 17 19.74 19.35 -1.97
CA LYS A 17 19.19 18.90 -0.67
C LYS A 17 18.82 20.04 0.28
N ALA A 18 19.66 21.07 0.37
CA ALA A 18 19.36 22.17 1.29
C ALA A 18 18.14 22.95 0.84
N GLU A 19 18.00 23.15 -0.47
CA GLU A 19 16.83 23.86 -0.99
C GLU A 19 15.55 23.03 -0.73
N LEU A 20 15.63 21.71 -0.94
CA LEU A 20 14.47 20.86 -0.64
C LEU A 20 14.06 20.97 0.83
N GLU A 21 15.04 20.93 1.72
CA GLU A 21 14.80 21.10 3.16
C GLU A 21 14.20 22.46 3.50
N GLU A 22 14.74 23.53 2.92
CA GLU A 22 14.24 24.89 3.19
CA GLU A 22 14.26 24.90 3.15
C GLU A 22 12.81 25.07 2.67
N ARG A 23 12.55 24.60 1.45
CA ARG A 23 11.19 24.63 0.90
C ARG A 23 10.20 23.92 1.83
N TRP A 24 10.59 22.73 2.28
CA TRP A 24 9.72 21.93 3.16
C TRP A 24 9.41 22.71 4.44
N ARG A 25 10.41 23.31 5.07
CA ARG A 25 10.18 24.06 6.31
CA ARG A 25 10.17 24.05 6.32
C ARG A 25 9.28 25.27 6.08
N LEU A 26 9.38 25.89 4.89
CA LEU A 26 8.52 27.03 4.56
C LEU A 26 7.05 26.60 4.42
N ALA A 27 6.85 25.40 3.83
CA ALA A 27 5.51 24.85 3.77
C ALA A 27 5.00 24.56 5.17
N GLN A 28 5.87 24.00 6.01
CA GLN A 28 5.45 23.73 7.41
C GLN A 28 5.08 25.01 8.15
N ALA A 29 5.86 26.07 7.94
CA ALA A 29 5.53 27.37 8.55
C ALA A 29 4.14 27.86 8.14
N PHE A 30 3.84 27.77 6.84
CA PHE A 30 2.51 28.13 6.35
C PHE A 30 1.41 27.33 7.03
N ASN A 31 1.58 26.02 7.10
CA ASN A 31 0.60 25.14 7.76
C ASN A 31 0.46 25.42 9.25
N ALA A 32 1.54 25.89 9.89
CA ALA A 32 1.52 26.17 11.34
C ALA A 32 0.73 27.45 11.65
N THR A 33 0.64 28.35 10.68
CA THR A 33 0.01 29.65 10.87
C THR A 33 -1.29 29.88 10.09
N LEU A 34 -1.77 28.84 9.41
CA LEU A 34 -2.97 28.96 8.58
C LEU A 34 -4.21 29.19 9.44
N LYS A 35 -4.96 30.25 9.14
CA LYS A 35 -6.24 30.49 9.83
C LYS A 35 -7.37 29.84 9.06
N PRO A 36 -8.34 29.25 9.78
CA PRO A 36 -9.65 28.86 9.25
C PRO A 36 -10.27 29.92 8.36
N SER A 37 -10.90 29.46 7.28
CA SER A 37 -11.56 30.34 6.34
C SER A 37 -12.73 29.61 5.70
N GLU A 38 -13.57 30.34 4.98
CA GLU A 38 -14.72 29.73 4.32
C GLU A 38 -14.25 28.97 3.08
N ILE A 39 -14.38 27.65 3.13
CA ILE A 39 -13.99 26.76 2.05
C ILE A 39 -15.17 26.42 1.13
N LEU A 40 -15.08 26.92 -0.10
CA LEU A 40 -16.14 26.80 -1.11
C LEU A 40 -16.05 25.50 -1.90
N ASP A 41 -17.19 25.06 -2.45
CA ASP A 41 -17.22 23.93 -3.37
C ASP A 41 -16.45 24.30 -4.63
N PRO A 42 -15.45 23.47 -5.01
CA PRO A 42 -14.61 23.79 -6.16
C PRO A 42 -15.33 23.74 -7.50
N PHE A 43 -16.36 22.93 -7.63
CA PHE A 43 -16.90 22.61 -8.97
C PHE A 43 -17.91 23.60 -9.50
N THR A 44 -18.55 24.32 -8.58
CA THR A 44 -19.69 25.19 -8.92
C THR A 44 -19.88 26.22 -7.83
N SER A 53 -3.11 32.14 -6.70
CA SER A 53 -2.35 32.72 -5.61
C SER A 53 -0.84 32.64 -5.85
N GLU A 54 -0.10 32.49 -4.76
CA GLU A 54 1.35 32.32 -4.76
C GLU A 54 1.75 31.57 -3.50
N TYR A 55 0.79 31.25 -2.65
CA TYR A 55 1.10 30.77 -1.30
C TYR A 55 1.74 29.37 -1.23
N ALA A 56 1.56 28.57 -2.28
CA ALA A 56 2.17 27.23 -2.39
C ALA A 56 3.42 27.23 -3.31
N ASN A 57 3.96 28.41 -3.59
CA ASN A 57 5.11 28.49 -4.48
C ASN A 57 6.31 27.65 -4.08
N MET A 58 6.51 27.45 -2.77
CA MET A 58 7.68 26.69 -2.33
C MET A 58 7.58 25.23 -2.76
N LEU A 59 6.36 24.80 -3.11
CA LEU A 59 6.13 23.38 -3.50
C LEU A 59 6.21 23.15 -4.99
N LYS A 60 6.19 24.24 -5.76
CA LYS A 60 6.03 24.14 -7.20
C LYS A 60 7.31 23.70 -7.90
N VAL A 61 7.16 22.72 -8.76
CA VAL A 61 8.23 22.19 -9.63
C VAL A 61 7.66 22.16 -11.05
N HIS A 62 7.98 23.18 -11.85
CA HIS A 62 7.36 23.37 -13.15
C HIS A 62 5.83 23.32 -13.06
N GLU A 63 5.30 24.06 -12.09
CA GLU A 63 3.86 24.25 -11.79
C GLU A 63 3.19 23.09 -11.05
N ARG A 64 3.77 21.90 -11.13
CA ARG A 64 3.23 20.78 -10.38
C ARG A 64 3.70 20.85 -8.94
N ILE A 65 2.84 20.45 -8.02
CA ILE A 65 3.24 20.36 -6.61
C ILE A 65 3.46 18.92 -6.13
N GLY A 66 3.31 17.98 -7.06
CA GLY A 66 3.55 16.57 -6.74
C GLY A 66 2.56 15.68 -7.44
N TYR A 67 2.25 14.57 -6.80
CA TYR A 67 1.19 13.74 -7.30
C TYR A 67 0.56 12.93 -6.21
N VAL A 68 -0.66 12.47 -6.47
CA VAL A 68 -1.38 11.61 -5.52
C VAL A 68 -1.45 10.20 -6.08
N GLU A 69 -1.02 9.23 -5.25
CA GLU A 69 -0.91 7.85 -5.65
C GLU A 69 -1.95 7.04 -4.92
N ILE A 70 -2.83 6.37 -5.66
CA ILE A 70 -3.94 5.63 -5.04
C ILE A 70 -3.97 4.19 -5.56
N PRO A 71 -3.25 3.28 -4.89
CA PRO A 71 -3.11 1.92 -5.41
C PRO A 71 -4.46 1.20 -5.55
N ALA A 72 -5.43 1.53 -4.71
CA ALA A 72 -6.73 0.81 -4.72
C ALA A 72 -7.45 0.99 -6.07
N ILE A 73 -7.19 2.09 -6.77
CA ILE A 73 -7.79 2.37 -8.08
C ILE A 73 -6.75 2.57 -9.21
N ASP A 74 -5.52 2.15 -8.97
CA ASP A 74 -4.45 2.16 -9.98
C ASP A 74 -4.26 3.54 -10.60
N GLN A 75 -4.21 4.58 -9.74
CA GLN A 75 -4.00 5.96 -10.18
C GLN A 75 -2.75 6.60 -9.56
N GLU A 76 -2.02 7.35 -10.40
CA GLU A 76 -0.99 8.30 -9.96
C GLU A 76 -1.26 9.55 -10.76
N ILE A 77 -1.76 10.57 -10.07
CA ILE A 77 -2.32 11.77 -10.68
C ILE A 77 -1.53 13.03 -10.27
N PRO A 78 -1.05 13.82 -11.27
CA PRO A 78 -0.30 15.01 -10.91
C PRO A 78 -1.17 16.02 -10.16
N MET A 79 -0.58 16.75 -9.21
CA MET A 79 -1.30 17.77 -8.44
C MET A 79 -0.81 19.17 -8.80
N TYR A 80 -1.76 20.09 -8.78
CA TYR A 80 -1.51 21.51 -9.02
C TYR A 80 -2.19 22.35 -7.94
N VAL A 81 -1.86 23.66 -7.90
CA VAL A 81 -2.49 24.56 -6.95
C VAL A 81 -3.81 25.11 -7.49
N GLY A 82 -4.87 25.01 -6.71
CA GLY A 82 -6.13 25.59 -7.08
C GLY A 82 -7.02 24.65 -7.87
N THR A 83 -8.22 25.13 -8.17
CA THR A 83 -9.25 24.26 -8.73
C THR A 83 -9.93 24.88 -9.96
N SER A 84 -9.19 25.73 -10.67
CA SER A 84 -9.69 26.31 -11.92
C SER A 84 -9.93 25.22 -12.96
N GLU A 85 -10.69 25.51 -14.00
CA GLU A 85 -10.99 24.44 -14.94
C GLU A 85 -9.77 24.02 -15.73
N ASP A 86 -8.85 24.95 -15.99
N ASP A 86 -8.83 24.95 -15.97
CA ASP A 86 -7.58 24.60 -16.60
CA ASP A 86 -7.55 24.62 -16.62
C ASP A 86 -6.88 23.49 -15.82
C ASP A 86 -6.68 23.63 -15.84
N ILE A 87 -6.75 23.67 -14.50
CA ILE A 87 -6.09 22.66 -13.64
C ILE A 87 -6.85 21.33 -13.68
N LEU A 88 -8.16 21.38 -13.48
CA LEU A 88 -8.92 20.14 -13.35
C LEU A 88 -9.02 19.33 -14.68
N GLN A 89 -8.70 19.98 -15.81
CA GLN A 89 -8.66 19.24 -17.08
C GLN A 89 -7.39 18.39 -17.20
N LYS A 90 -6.38 18.70 -16.39
CA LYS A 90 -5.08 18.01 -16.47
C LYS A 90 -4.61 17.22 -15.21
N GLY A 91 -5.32 17.32 -14.10
CA GLY A 91 -4.88 16.63 -12.90
C GLY A 91 -5.72 17.00 -11.71
N ALA A 92 -5.20 16.80 -10.51
CA ALA A 92 -5.92 17.12 -9.29
C ALA A 92 -5.51 18.50 -8.84
N GLY A 93 -6.39 19.17 -8.11
CA GLY A 93 -6.09 20.50 -7.57
C GLY A 93 -6.19 20.59 -6.05
N LEU A 94 -5.23 21.29 -5.45
CA LEU A 94 -5.25 21.64 -4.02
C LEU A 94 -6.29 22.72 -3.78
N LEU A 95 -7.24 22.44 -2.90
CA LEU A 95 -8.35 23.33 -2.60
C LEU A 95 -7.90 24.58 -1.85
N GLU A 96 -8.39 25.72 -2.31
CA GLU A 96 -8.17 27.04 -1.73
CA GLU A 96 -7.98 26.96 -1.67
C GLU A 96 -8.61 27.07 -0.26
N GLY A 97 -7.75 27.43 0.67
CA GLY A 97 -8.14 27.54 2.08
C GLY A 97 -7.73 26.33 2.91
N ALA A 98 -7.31 25.27 2.25
CA ALA A 98 -6.86 24.07 2.97
C ALA A 98 -5.33 24.08 3.23
N SER A 99 -4.91 23.18 4.13
CA SER A 99 -3.48 23.05 4.44
C SER A 99 -2.74 22.59 3.21
N LEU A 100 -1.45 22.96 3.12
CA LEU A 100 -0.55 22.40 2.12
C LEU A 100 -0.34 20.91 2.39
N PRO A 101 -0.08 20.11 1.34
CA PRO A 101 0.09 18.65 1.52
C PRO A 101 1.45 18.24 2.08
N VAL A 102 1.90 18.90 3.15
CA VAL A 102 3.13 18.48 3.85
C VAL A 102 2.85 17.92 5.26
N GLY A 103 1.57 17.72 5.58
CA GLY A 103 1.21 17.05 6.84
C GLY A 103 1.48 17.93 8.05
N GLY A 104 1.49 17.30 9.23
CA GLY A 104 1.66 18.00 10.50
C GLY A 104 0.38 17.95 11.33
N GLU A 105 0.55 18.03 12.64
CA GLU A 105 -0.56 18.11 13.59
C GLU A 105 -1.42 19.33 13.27
N ASN A 106 -2.74 19.20 13.40
CA ASN A 106 -3.69 20.30 13.14
C ASN A 106 -3.65 20.74 11.68
N THR A 107 -3.51 19.78 10.76
CA THR A 107 -3.58 20.11 9.30
C THR A 107 -4.64 19.25 8.63
N HIS A 108 -5.20 19.79 7.56
CA HIS A 108 -6.15 19.03 6.75
C HIS A 108 -6.04 19.55 5.32
N THR A 109 -5.39 18.77 4.46
CA THR A 109 -5.21 19.13 3.05
C THR A 109 -6.39 18.54 2.27
N VAL A 110 -6.81 19.21 1.21
CA VAL A 110 -7.97 18.75 0.46
C VAL A 110 -7.57 18.79 -1.03
N ILE A 111 -7.66 17.62 -1.70
CA ILE A 111 -7.20 17.44 -3.07
C ILE A 111 -8.42 17.03 -3.91
N THR A 112 -8.68 17.78 -4.97
CA THR A 112 -9.89 17.55 -5.77
C THR A 112 -9.62 17.13 -7.23
N ALA A 113 -10.47 16.27 -7.79
CA ALA A 113 -10.36 15.96 -9.23
C ALA A 113 -11.72 15.53 -9.74
N HIS A 114 -11.91 15.74 -11.04
CA HIS A 114 -13.12 15.28 -11.71
C HIS A 114 -13.34 13.79 -11.58
N ARG A 115 -14.62 13.43 -11.58
CA ARG A 115 -15.06 12.05 -11.53
C ARG A 115 -14.91 11.44 -12.96
N GLY A 116 -13.68 11.43 -13.46
CA GLY A 116 -13.36 11.07 -14.86
C GLY A 116 -13.50 12.18 -15.91
N LEU A 117 -12.59 12.15 -16.89
CA LEU A 117 -12.74 12.89 -18.15
C LEU A 117 -12.59 11.90 -19.30
N PRO A 118 -13.03 12.30 -20.50
CA PRO A 118 -12.91 11.39 -21.65
C PRO A 118 -11.53 10.70 -21.78
N THR A 119 -10.43 11.43 -21.57
CA THR A 119 -9.10 10.82 -21.73
C THR A 119 -8.24 10.67 -20.45
N ALA A 120 -8.89 10.62 -19.28
CA ALA A 120 -8.17 10.36 -18.02
C ALA A 120 -9.16 9.99 -16.91
N GLU A 121 -8.96 8.84 -16.27
CA GLU A 121 -9.92 8.36 -15.26
C GLU A 121 -9.98 9.28 -14.06
N LEU A 122 -8.84 9.88 -13.72
CA LEU A 122 -8.77 10.80 -12.57
C LEU A 122 -9.44 10.14 -11.35
N PHE A 123 -10.42 10.78 -10.72
CA PHE A 123 -11.11 10.23 -9.55
C PHE A 123 -12.40 9.46 -9.88
N SER A 124 -12.54 9.05 -11.15
CA SER A 124 -13.68 8.26 -11.59
C SER A 124 -14.06 7.11 -10.64
N GLN A 125 -13.05 6.37 -10.18
CA GLN A 125 -13.27 5.18 -9.34
CA GLN A 125 -13.28 5.18 -9.34
C GLN A 125 -13.15 5.41 -7.85
N LEU A 126 -13.22 6.67 -7.42
CA LEU A 126 -13.01 6.98 -5.99
C LEU A 126 -14.03 6.27 -5.10
N ASP A 127 -15.20 5.95 -5.67
CA ASP A 127 -16.22 5.19 -4.93
C ASP A 127 -15.80 3.77 -4.56
N LYS A 128 -14.74 3.25 -5.18
CA LYS A 128 -14.20 1.93 -4.88
C LYS A 128 -13.34 1.94 -3.62
N MET A 129 -12.94 3.12 -3.17
CA MET A 129 -12.08 3.20 -1.97
C MET A 129 -12.86 2.82 -0.71
N LYS A 130 -12.18 2.14 0.21
CA LYS A 130 -12.81 1.64 1.46
C LYS A 130 -12.00 2.07 2.66
N LYS A 131 -12.61 2.08 3.84
CA LYS A 131 -11.84 2.29 5.06
C LYS A 131 -10.68 1.29 5.11
N GLY A 132 -9.52 1.80 5.53
CA GLY A 132 -8.26 1.04 5.59
C GLY A 132 -7.38 1.14 4.37
N ASP A 133 -7.94 1.63 3.27
CA ASP A 133 -7.13 1.81 2.07
C ASP A 133 -6.09 2.88 2.31
N ILE A 134 -4.97 2.79 1.62
CA ILE A 134 -3.87 3.74 1.89
C ILE A 134 -3.51 4.48 0.60
N PHE A 135 -3.36 5.80 0.68
CA PHE A 135 -2.94 6.60 -0.49
C PHE A 135 -1.77 7.47 -0.07
N TYR A 136 -1.01 7.93 -1.07
CA TYR A 136 0.31 8.51 -0.82
C TYR A 136 0.40 9.85 -1.53
N LEU A 137 0.87 10.86 -0.82
CA LEU A 137 1.06 12.20 -1.42
C LEU A 137 2.56 12.33 -1.66
N HIS A 138 2.92 12.53 -2.92
CA HIS A 138 4.33 12.68 -3.31
C HIS A 138 4.54 14.18 -3.51
N VAL A 139 5.29 14.77 -2.60
CA VAL A 139 5.48 16.23 -2.58
C VAL A 139 6.97 16.48 -2.41
N LEU A 140 7.55 17.33 -3.26
CA LEU A 140 9.00 17.46 -3.36
C LEU A 140 9.62 16.07 -3.27
N ASP A 141 10.52 15.85 -2.31
CA ASP A 141 11.24 14.57 -2.24
C ASP A 141 10.69 13.69 -1.12
N GLN A 142 9.48 14.01 -0.65
CA GLN A 142 8.87 13.26 0.47
C GLN A 142 7.66 12.49 -0.03
N VAL A 143 7.32 11.42 0.70
CA VAL A 143 6.08 10.70 0.38
C VAL A 143 5.34 10.52 1.70
N LEU A 144 4.09 10.99 1.76
CA LEU A 144 3.30 10.93 3.01
C LEU A 144 2.15 9.95 2.85
N ALA A 145 2.04 8.98 3.74
CA ALA A 145 0.96 7.98 3.64
C ALA A 145 -0.24 8.38 4.51
N TYR A 146 -1.44 8.19 3.96
CA TYR A 146 -2.74 8.46 4.65
C TYR A 146 -3.62 7.22 4.52
N GLN A 147 -4.24 6.82 5.64
CA GLN A 147 -5.12 5.66 5.65
C GLN A 147 -6.56 6.07 5.81
N VAL A 148 -7.42 5.58 4.93
CA VAL A 148 -8.83 5.99 4.89
C VAL A 148 -9.55 5.67 6.20
N ASP A 149 -10.16 6.69 6.84
CA ASP A 149 -10.88 6.43 8.09
C ASP A 149 -12.35 6.91 8.08
N GLN A 150 -12.70 7.64 7.03
CA GLN A 150 -14.07 8.17 6.90
C GLN A 150 -14.37 8.43 5.45
N ILE A 151 -15.55 7.98 5.03
CA ILE A 151 -16.07 8.23 3.68
C ILE A 151 -17.51 8.73 3.79
N VAL A 152 -17.75 9.94 3.31
CA VAL A 152 -19.10 10.51 3.33
C VAL A 152 -19.45 11.19 2.00
N THR A 153 -20.75 11.26 1.70
CA THR A 153 -21.20 12.03 0.57
C THR A 153 -22.08 13.17 1.14
N VAL A 154 -21.85 14.40 0.69
CA VAL A 154 -22.53 15.57 1.23
C VAL A 154 -23.03 16.47 0.08
N GLU A 155 -23.98 17.34 0.38
CA GLU A 155 -24.36 18.38 -0.58
C GLU A 155 -23.24 19.39 -0.65
N PRO A 156 -23.14 20.12 -1.78
CA PRO A 156 -22.14 21.18 -1.89
C PRO A 156 -22.22 22.19 -0.74
N ASN A 157 -23.38 22.25 -0.06
CA ASN A 157 -23.66 23.18 1.05
C ASN A 157 -23.38 22.61 2.46
N ASP A 158 -22.94 21.35 2.53
CA ASP A 158 -22.79 20.64 3.81
C ASP A 158 -21.33 20.26 4.17
N PHE A 159 -20.40 21.16 3.85
CA PHE A 159 -18.93 20.92 3.81
C PHE A 159 -18.06 20.99 5.09
N GLU A 160 -18.61 20.59 6.23
CA GLU A 160 -17.85 20.61 7.49
C GLU A 160 -16.75 19.54 7.62
N PRO A 161 -16.87 18.41 6.88
CA PRO A 161 -15.89 17.34 7.12
C PRO A 161 -14.47 17.60 6.56
N VAL A 162 -14.27 18.71 5.86
CA VAL A 162 -12.92 19.04 5.35
C VAL A 162 -12.23 20.11 6.24
N LEU A 163 -12.81 20.35 7.41
CA LEU A 163 -12.23 21.30 8.33
C LEU A 163 -11.10 20.67 9.15
N ILE A 164 -10.15 21.53 9.54
CA ILE A 164 -9.04 21.16 10.43
C ILE A 164 -9.54 20.71 11.80
N GLN A 165 -9.09 19.53 12.22
CA GLN A 165 -9.39 18.97 13.53
C GLN A 165 -8.12 19.01 14.35
N HIS A 166 -8.18 19.69 15.49
CA HIS A 166 -6.99 19.86 16.32
C HIS A 166 -6.39 18.51 16.69
N GLY A 167 -5.06 18.47 16.72
CA GLY A 167 -4.33 17.26 17.08
C GLY A 167 -4.23 16.21 15.99
N GLU A 168 -4.95 16.38 14.86
CA GLU A 168 -4.87 15.36 13.76
C GLU A 168 -4.22 15.86 12.46
N ASP A 169 -3.81 14.91 11.63
CA ASP A 169 -3.14 15.20 10.35
C ASP A 169 -3.98 14.43 9.32
N TYR A 170 -4.83 15.14 8.60
CA TYR A 170 -5.77 14.53 7.65
C TYR A 170 -5.53 14.96 6.21
N ALA A 171 -5.98 14.11 5.28
CA ALA A 171 -5.98 14.48 3.86
C ALA A 171 -7.27 13.94 3.27
N THR A 172 -8.04 14.81 2.61
CA THR A 172 -9.29 14.40 1.97
C THR A 172 -9.19 14.46 0.46
N LEU A 173 -9.64 13.38 -0.18
CA LEU A 173 -9.78 13.37 -1.65
C LEU A 173 -11.25 13.68 -1.94
N LEU A 174 -11.50 14.67 -2.81
CA LEU A 174 -12.85 15.19 -3.04
C LEU A 174 -13.22 15.05 -4.52
N THR A 175 -14.38 14.45 -4.80
CA THR A 175 -14.89 14.45 -6.19
C THR A 175 -16.43 14.65 -6.24
N CYS A 176 -17.03 14.62 -7.43
CA CYS A 176 -18.50 14.72 -7.55
CA CYS A 176 -18.50 14.72 -7.50
C CYS A 176 -19.14 13.34 -7.64
N THR A 177 -20.43 13.25 -7.31
CA THR A 177 -21.16 11.95 -7.21
C THR A 177 -22.67 12.28 -7.20
N PRO A 178 -23.54 11.34 -7.65
CA PRO A 178 -23.24 10.12 -8.40
C PRO A 178 -22.58 10.50 -9.71
N TYR A 179 -21.84 9.56 -10.30
CA TYR A 179 -21.28 9.75 -11.63
C TYR A 179 -22.30 10.41 -12.56
N MET A 180 -21.90 11.51 -13.19
CA MET A 180 -22.70 12.29 -14.17
C MET A 180 -23.91 13.05 -13.65
N ILE A 181 -24.28 12.81 -12.39
CA ILE A 181 -25.41 13.51 -11.78
C ILE A 181 -24.92 14.70 -10.94
N ASN A 182 -23.75 14.54 -10.31
CA ASN A 182 -23.05 15.65 -9.65
C ASN A 182 -23.89 16.52 -8.70
N SER A 183 -24.89 15.92 -8.07
CA SER A 183 -25.72 16.63 -7.09
C SER A 183 -25.02 16.75 -5.74
N HIS A 184 -24.01 15.90 -5.52
CA HIS A 184 -23.38 15.75 -4.23
C HIS A 184 -21.86 15.67 -4.38
N ARG A 185 -21.16 15.67 -3.25
CA ARG A 185 -19.70 15.57 -3.29
C ARG A 185 -19.29 14.38 -2.43
N LEU A 186 -18.35 13.57 -2.94
CA LEU A 186 -17.85 12.40 -2.24
C LEU A 186 -16.53 12.80 -1.57
N LEU A 187 -16.42 12.57 -0.24
CA LEU A 187 -15.24 13.00 0.51
C LEU A 187 -14.61 11.76 1.12
N VAL A 188 -13.39 11.44 0.67
CA VAL A 188 -12.68 10.27 1.22
C VAL A 188 -11.56 10.79 2.11
N ARG A 189 -11.66 10.59 3.43
CA ARG A 189 -10.70 11.19 4.36
C ARG A 189 -9.70 10.15 4.82
N GLY A 190 -8.41 10.49 4.73
CA GLY A 190 -7.37 9.60 5.32
C GLY A 190 -6.67 10.31 6.49
N LYS A 191 -6.13 9.50 7.41
CA LYS A 191 -5.37 10.01 8.57
C LYS A 191 -3.91 9.58 8.39
N ARG A 192 -2.96 10.46 8.70
CA ARG A 192 -1.53 10.16 8.47
C ARG A 192 -1.14 8.86 9.20
N ILE A 193 -0.35 8.02 8.51
CA ILE A 193 0.26 6.89 9.18
C ILE A 193 1.79 6.97 8.94
N PRO A 194 2.60 6.33 9.81
CA PRO A 194 4.07 6.39 9.60
C PRO A 194 4.51 5.78 8.27
N TYR A 195 5.27 6.54 7.50
CA TYR A 195 5.79 6.07 6.23
C TYR A 195 6.84 7.04 5.79
N THR A 196 8.01 6.53 5.39
CA THR A 196 9.04 7.37 4.74
C THR A 196 9.50 6.69 3.46
N ALA A 197 9.69 7.47 2.39
CA ALA A 197 10.15 6.92 1.10
C ALA A 197 11.53 6.24 1.26
N PRO A 198 11.73 5.07 0.64
CA PRO A 198 13.06 4.43 0.64
C PRO A 198 14.12 5.39 0.09
N ILE A 199 15.35 5.31 0.60
CA ILE A 199 16.38 6.28 0.23
C ILE A 199 17.22 5.82 -0.96
N ASN B 2 -13.10 -14.23 -2.34
CA ASN B 2 -13.25 -13.33 -1.15
C ASN B 2 -13.81 -14.05 0.07
N GLU B 3 -14.55 -15.13 -0.14
CA GLU B 3 -15.26 -15.80 0.98
C GLU B 3 -14.33 -16.31 2.07
N VAL B 4 -13.22 -16.95 1.69
CA VAL B 4 -12.30 -17.51 2.69
C VAL B 4 -11.66 -16.39 3.50
N ILE B 5 -11.30 -15.30 2.84
CA ILE B 5 -10.64 -14.16 3.50
C ILE B 5 -11.58 -13.55 4.55
N LYS B 6 -12.84 -13.38 4.17
CA LYS B 6 -13.83 -12.86 5.08
C LYS B 6 -14.03 -13.80 6.26
N GLU B 7 -14.12 -15.10 6.01
CA GLU B 7 -14.33 -16.07 7.08
C GLU B 7 -13.16 -16.03 8.06
N PHE B 8 -11.93 -16.03 7.53
CA PHE B 8 -10.73 -15.92 8.37
C PHE B 8 -10.80 -14.70 9.30
N ASP B 9 -11.05 -13.52 8.74
CA ASP B 9 -11.08 -12.29 9.55
C ASP B 9 -12.21 -12.32 10.57
N GLU B 10 -13.36 -12.90 10.18
CA GLU B 10 -14.49 -12.99 11.11
C GLU B 10 -14.15 -13.91 12.30
N THR B 11 -13.56 -15.07 12.02
CA THR B 11 -13.18 -16.04 13.09
C THR B 11 -12.18 -15.39 14.04
N VAL B 12 -11.14 -14.76 13.47
CA VAL B 12 -10.15 -14.12 14.30
C VAL B 12 -10.78 -13.01 15.17
N SER B 13 -11.73 -12.27 14.61
CA SER B 13 -12.37 -11.18 15.38
C SER B 13 -13.08 -11.69 16.63
N GLN B 14 -13.42 -12.97 16.64
CA GLN B 14 -14.16 -13.61 17.76
C GLN B 14 -13.23 -14.36 18.71
N MET B 15 -11.94 -14.42 18.37
CA MET B 15 -10.97 -15.09 19.24
C MET B 15 -10.58 -14.22 20.42
N ASP B 16 -10.29 -14.89 21.54
CA ASP B 16 -9.88 -14.16 22.74
CA ASP B 16 -9.85 -14.25 22.78
C ASP B 16 -8.48 -13.56 22.61
N LYS B 17 -8.34 -12.33 23.11
CA LYS B 17 -7.07 -11.61 22.99
C LYS B 17 -5.90 -12.42 23.57
N ALA B 18 -6.11 -13.09 24.71
CA ALA B 18 -5.01 -13.79 25.37
C ALA B 18 -4.52 -15.00 24.58
N GLU B 19 -5.46 -15.74 23.96
CA GLU B 19 -5.09 -16.82 23.05
C GLU B 19 -4.35 -16.24 21.85
N LEU B 20 -4.83 -15.14 21.28
CA LEU B 20 -4.13 -14.54 20.14
C LEU B 20 -2.71 -14.12 20.50
N GLU B 21 -2.53 -13.47 21.67
CA GLU B 21 -1.17 -13.08 22.11
C GLU B 21 -0.27 -14.31 22.33
N GLU B 22 -0.84 -15.36 22.90
CA GLU B 22 -0.06 -16.58 23.16
C GLU B 22 0.39 -17.29 21.89
N ARG B 23 -0.50 -17.40 20.91
CA ARG B 23 -0.12 -18.02 19.64
C ARG B 23 1.03 -17.20 19.00
N TRP B 24 0.89 -15.88 19.07
CA TRP B 24 1.87 -15.00 18.47
C TRP B 24 3.23 -15.19 19.11
N ARG B 25 3.27 -15.29 20.45
CA ARG B 25 4.55 -15.53 21.15
C ARG B 25 5.16 -16.87 20.79
N LEU B 26 4.35 -17.93 20.66
CA LEU B 26 4.91 -19.22 20.23
C LEU B 26 5.56 -19.16 18.85
N ALA B 27 4.93 -18.39 17.96
CA ALA B 27 5.46 -18.27 16.61
C ALA B 27 6.78 -17.49 16.62
N GLN B 28 6.83 -16.41 17.41
CA GLN B 28 8.04 -15.59 17.53
C GLN B 28 9.18 -16.41 18.10
N ALA B 29 8.87 -17.24 19.12
CA ALA B 29 9.85 -18.12 19.75
C ALA B 29 10.29 -19.18 18.76
N PHE B 30 9.36 -19.70 17.96
CA PHE B 30 9.74 -20.65 16.93
C PHE B 30 10.76 -20.05 15.97
N ASN B 31 10.53 -18.81 15.52
CA ASN B 31 11.42 -18.16 14.53
C ASN B 31 12.82 -17.94 15.12
N ALA B 32 12.88 -17.70 16.42
CA ALA B 32 14.17 -17.50 17.09
C ALA B 32 14.98 -18.80 17.28
N THR B 33 14.30 -19.92 17.48
CA THR B 33 15.01 -21.18 17.69
C THR B 33 15.25 -21.96 16.40
N LEU B 34 14.78 -21.45 15.27
CA LEU B 34 14.86 -22.16 13.97
C LEU B 34 16.28 -22.19 13.41
N LYS B 35 16.79 -23.39 13.11
CA LYS B 35 18.01 -23.55 12.30
C LYS B 35 17.67 -23.10 10.86
N PRO B 36 18.63 -22.56 10.09
CA PRO B 36 19.76 -23.02 9.34
C PRO B 36 19.59 -24.38 8.67
N SER B 37 19.00 -24.31 7.46
CA SER B 37 18.88 -25.43 6.52
C SER B 37 18.51 -24.93 5.11
N GLU B 38 18.66 -25.81 4.12
CA GLU B 38 18.47 -25.41 2.73
C GLU B 38 17.00 -25.41 2.33
N ILE B 39 16.63 -24.40 1.56
CA ILE B 39 15.26 -24.21 1.12
C ILE B 39 15.17 -24.66 -0.32
N LEU B 40 14.52 -25.79 -0.54
CA LEU B 40 14.43 -26.40 -1.87
C LEU B 40 13.18 -25.99 -2.66
N ASP B 41 13.32 -26.03 -3.99
CA ASP B 41 12.28 -25.70 -4.95
C ASP B 41 10.96 -26.45 -4.65
N PRO B 42 9.89 -25.70 -4.36
CA PRO B 42 8.59 -26.31 -4.03
C PRO B 42 7.84 -26.88 -5.24
N PHE B 43 8.25 -26.50 -6.45
CA PHE B 43 7.50 -26.87 -7.65
C PHE B 43 7.96 -28.18 -8.28
N THR B 44 9.23 -28.51 -8.12
CA THR B 44 9.77 -29.75 -8.65
C THR B 44 9.84 -30.82 -7.57
N GLU B 45 10.52 -30.50 -6.47
CA GLU B 45 10.67 -31.44 -5.34
C GLU B 45 9.31 -31.85 -4.76
N LYS B 48 5.12 -33.33 -4.37
CA LYS B 48 4.39 -34.10 -3.37
C LYS B 48 2.94 -33.59 -3.15
N LYS B 49 2.23 -34.24 -2.22
CA LYS B 49 0.86 -33.87 -1.85
C LYS B 49 0.57 -34.20 -0.37
N LYS B 50 -0.43 -33.51 0.20
CA LYS B 50 -0.77 -33.61 1.64
C LYS B 50 0.43 -33.33 2.55
N GLY B 51 0.39 -33.83 3.79
CA GLY B 51 1.53 -33.70 4.70
C GLY B 51 1.18 -33.54 6.18
N VAL B 52 2.13 -33.92 7.04
CA VAL B 52 1.97 -33.80 8.49
C VAL B 52 3.11 -32.99 9.13
N SER B 53 3.15 -31.69 8.79
CA SER B 53 4.02 -30.75 9.47
C SER B 53 3.21 -29.94 10.50
N GLU B 54 3.47 -30.20 11.78
CA GLU B 54 2.71 -29.57 12.86
C GLU B 54 3.28 -28.21 13.30
N TYR B 55 4.41 -27.83 12.72
CA TYR B 55 5.22 -26.74 13.30
C TYR B 55 4.57 -25.34 13.32
N ALA B 56 3.68 -25.06 12.35
CA ALA B 56 2.97 -23.76 12.25
C ALA B 56 1.52 -23.83 12.80
N ASN B 57 1.22 -24.85 13.62
CA ASN B 57 -0.14 -24.99 14.15
C ASN B 57 -0.66 -23.81 14.96
N MET B 58 0.24 -23.09 15.63
CA MET B 58 -0.20 -21.92 16.40
C MET B 58 -0.84 -20.83 15.53
N LEU B 59 -0.55 -20.85 14.21
CA LEU B 59 -1.11 -19.82 13.30
C LEU B 59 -2.37 -20.32 12.62
N LYS B 60 -2.68 -21.62 12.72
CA LYS B 60 -3.81 -22.14 11.94
C LYS B 60 -5.18 -21.73 12.52
N VAL B 61 -6.06 -21.23 11.64
CA VAL B 61 -7.45 -20.93 11.97
C VAL B 61 -8.26 -21.65 10.89
N HIS B 62 -8.76 -22.83 11.26
CA HIS B 62 -9.43 -23.73 10.32
C HIS B 62 -8.55 -23.98 9.09
N GLU B 63 -7.30 -24.33 9.34
CA GLU B 63 -6.30 -24.70 8.33
C GLU B 63 -5.59 -23.51 7.64
N ARG B 64 -6.26 -22.36 7.55
CA ARG B 64 -5.60 -21.18 6.97
C ARG B 64 -4.67 -20.52 7.97
N ILE B 65 -3.51 -20.05 7.50
CA ILE B 65 -2.64 -19.26 8.37
C ILE B 65 -2.70 -17.73 8.10
N GLY B 66 -3.64 -17.32 7.24
CA GLY B 66 -3.95 -15.89 7.01
C GLY B 66 -4.07 -15.65 5.53
N TYR B 67 -3.61 -14.49 5.08
CA TYR B 67 -3.62 -14.20 3.66
C TYR B 67 -2.61 -13.14 3.30
N VAL B 68 -2.22 -13.16 2.02
CA VAL B 68 -1.28 -12.19 1.45
C VAL B 68 -2.03 -11.21 0.56
N GLU B 69 -1.88 -9.92 0.88
CA GLU B 69 -2.56 -8.86 0.18
C GLU B 69 -1.53 -8.10 -0.64
N ILE B 70 -1.75 -8.04 -1.97
CA ILE B 70 -0.81 -7.40 -2.88
C ILE B 70 -1.60 -6.39 -3.76
N PRO B 71 -1.72 -5.14 -3.29
CA PRO B 71 -2.49 -4.09 -4.01
C PRO B 71 -2.02 -3.82 -5.45
N ALA B 72 -0.72 -3.98 -5.74
CA ALA B 72 -0.20 -3.72 -7.10
C ALA B 72 -0.82 -4.63 -8.17
N ILE B 73 -1.28 -5.81 -7.75
CA ILE B 73 -1.89 -6.75 -8.69
C ILE B 73 -3.33 -7.14 -8.30
N ASP B 74 -3.91 -6.34 -7.40
CA ASP B 74 -5.30 -6.52 -6.93
C ASP B 74 -5.61 -7.96 -6.46
N GLN B 75 -4.75 -8.49 -5.58
CA GLN B 75 -4.92 -9.84 -5.04
C GLN B 75 -4.97 -9.86 -3.54
N GLU B 76 -5.81 -10.76 -3.00
CA GLU B 76 -5.77 -11.11 -1.58
C GLU B 76 -5.96 -12.60 -1.60
N ILE B 77 -4.89 -13.34 -1.27
CA ILE B 77 -4.85 -14.77 -1.50
C ILE B 77 -4.70 -15.49 -0.14
N PRO B 78 -5.56 -16.47 0.15
CA PRO B 78 -5.36 -17.17 1.43
C PRO B 78 -4.06 -17.98 1.44
N MET B 79 -3.45 -18.10 2.63
CA MET B 79 -2.16 -18.77 2.86
C MET B 79 -2.39 -20.02 3.71
N TYR B 80 -1.67 -21.08 3.35
CA TYR B 80 -1.69 -22.37 4.03
C TYR B 80 -0.28 -22.80 4.34
N VAL B 81 -0.13 -23.82 5.18
CA VAL B 81 1.17 -24.39 5.45
C VAL B 81 1.56 -25.43 4.39
N GLY B 82 2.77 -25.30 3.84
CA GLY B 82 3.34 -26.26 2.90
C GLY B 82 3.06 -25.96 1.45
N THR B 83 3.62 -26.77 0.55
CA THR B 83 3.55 -26.45 -0.87
C THR B 83 3.14 -27.68 -1.70
N SER B 84 2.44 -28.60 -1.05
CA SER B 84 1.74 -29.72 -1.70
C SER B 84 0.80 -29.23 -2.81
N GLU B 85 0.57 -30.07 -3.82
CA GLU B 85 -0.27 -29.64 -4.93
C GLU B 85 -1.68 -29.25 -4.49
N ASP B 86 -2.19 -29.94 -3.46
N ASP B 86 -2.19 -29.91 -3.45
CA ASP B 86 -3.52 -29.68 -2.92
CA ASP B 86 -3.53 -29.67 -2.93
C ASP B 86 -3.63 -28.26 -2.35
C ASP B 86 -3.68 -28.31 -2.23
N ILE B 87 -2.59 -27.83 -1.64
CA ILE B 87 -2.58 -26.47 -1.08
C ILE B 87 -2.44 -25.47 -2.25
N LEU B 88 -1.52 -25.72 -3.18
CA LEU B 88 -1.30 -24.76 -4.27
C LEU B 88 -2.51 -24.68 -5.20
N GLN B 89 -3.46 -25.61 -5.07
CA GLN B 89 -4.69 -25.49 -5.89
C GLN B 89 -5.66 -24.47 -5.28
N LYS B 90 -5.43 -24.14 -4.01
CA LYS B 90 -6.35 -23.40 -3.12
C LYS B 90 -5.86 -21.99 -2.82
N GLY B 91 -4.55 -21.78 -2.89
CA GLY B 91 -4.03 -20.51 -2.36
C GLY B 91 -2.52 -20.52 -2.38
N ALA B 92 -1.93 -19.71 -1.50
CA ALA B 92 -0.49 -19.61 -1.43
C ALA B 92 -0.01 -20.50 -0.29
N GLY B 93 1.21 -21.04 -0.42
CA GLY B 93 1.75 -21.99 0.54
C GLY B 93 3.01 -21.46 1.18
N LEU B 94 3.13 -21.65 2.50
CA LEU B 94 4.35 -21.32 3.22
C LEU B 94 5.42 -22.40 2.98
N LEU B 95 6.59 -21.98 2.55
CA LEU B 95 7.67 -22.90 2.13
C LEU B 95 8.29 -23.59 3.33
N GLU B 96 8.49 -24.91 3.20
CA GLU B 96 9.17 -25.70 4.24
CA GLU B 96 9.18 -25.70 4.23
C GLU B 96 10.60 -25.19 4.40
N GLY B 97 11.00 -25.01 5.66
CA GLY B 97 12.32 -24.51 6.00
C GLY B 97 12.38 -23.01 6.21
N ALA B 98 11.38 -22.28 5.74
CA ALA B 98 11.43 -20.81 5.85
C ALA B 98 10.84 -20.35 7.19
N SER B 99 11.09 -19.09 7.54
CA SER B 99 10.52 -18.55 8.78
C SER B 99 8.98 -18.49 8.74
N LEU B 100 8.36 -18.58 9.91
CA LEU B 100 6.91 -18.30 10.02
C LEU B 100 6.68 -16.80 9.69
N PRO B 101 5.51 -16.47 9.10
CA PRO B 101 5.24 -15.08 8.70
C PRO B 101 4.79 -14.17 9.84
N VAL B 102 5.59 -14.08 10.90
CA VAL B 102 5.29 -13.21 12.04
C VAL B 102 6.43 -12.19 12.21
N GLY B 103 7.37 -12.18 11.26
CA GLY B 103 8.47 -11.21 11.22
C GLY B 103 9.48 -11.40 12.32
N GLY B 104 10.25 -10.35 12.53
CA GLY B 104 11.29 -10.33 13.55
C GLY B 104 12.65 -10.28 12.91
N GLU B 105 13.62 -9.88 13.71
CA GLU B 105 14.96 -9.74 13.24
C GLU B 105 15.47 -11.14 12.87
N ASN B 106 16.27 -11.23 11.81
CA ASN B 106 16.87 -12.51 11.38
C ASN B 106 15.81 -13.51 10.96
N THR B 107 14.78 -13.04 10.23
CA THR B 107 13.75 -13.95 9.71
C THR B 107 13.61 -13.73 8.23
N HIS B 108 13.21 -14.79 7.55
CA HIS B 108 12.92 -14.65 6.12
C HIS B 108 11.82 -15.66 5.79
N THR B 109 10.58 -15.17 5.68
CA THR B 109 9.45 -16.04 5.30
C THR B 109 9.34 -16.12 3.76
N VAL B 110 8.89 -17.25 3.26
CA VAL B 110 8.78 -17.43 1.80
C VAL B 110 7.41 -18.01 1.49
N ILE B 111 6.68 -17.35 0.60
CA ILE B 111 5.29 -17.68 0.33
C ILE B 111 5.17 -17.93 -1.18
N THR B 112 4.63 -19.09 -1.54
CA THR B 112 4.64 -19.41 -2.96
C THR B 112 3.24 -19.68 -3.51
N ALA B 113 3.03 -19.36 -4.78
CA ALA B 113 1.77 -19.73 -5.42
C ALA B 113 1.98 -19.89 -6.93
N HIS B 114 1.08 -20.63 -7.56
CA HIS B 114 1.11 -20.81 -9.01
C HIS B 114 1.06 -19.49 -9.77
N ARG B 115 1.71 -19.49 -10.93
CA ARG B 115 1.62 -18.41 -11.92
C ARG B 115 0.30 -18.48 -12.72
N GLY B 116 -0.80 -18.34 -11.99
CA GLY B 116 -2.17 -18.47 -12.51
C GLY B 116 -2.67 -19.90 -12.56
N LEU B 117 -3.97 -20.05 -12.26
CA LEU B 117 -4.71 -21.29 -12.52
C LEU B 117 -5.93 -20.92 -13.35
N PRO B 118 -6.58 -21.92 -13.95
CA PRO B 118 -7.70 -21.58 -14.86
C PRO B 118 -8.70 -20.55 -14.32
N THR B 119 -9.12 -20.67 -13.07
CA THR B 119 -10.06 -19.68 -12.52
C THR B 119 -9.57 -18.90 -11.30
N ALA B 120 -8.26 -18.83 -11.06
CA ALA B 120 -7.72 -18.01 -9.96
C ALA B 120 -6.40 -17.45 -10.44
N GLU B 121 -6.28 -16.13 -10.45
CA GLU B 121 -5.08 -15.50 -10.97
C GLU B 121 -3.88 -15.82 -10.06
N LEU B 122 -4.10 -15.90 -8.73
CA LEU B 122 -2.97 -16.19 -7.82
C LEU B 122 -1.76 -15.27 -8.14
N PHE B 123 -0.55 -15.82 -8.35
CA PHE B 123 0.65 -15.00 -8.63
C PHE B 123 0.91 -14.79 -10.14
N SER B 124 -0.14 -14.98 -10.94
CA SER B 124 -0.01 -14.76 -12.40
C SER B 124 0.68 -13.46 -12.76
N GLN B 125 0.30 -12.38 -12.08
CA GLN B 125 0.76 -11.02 -12.40
CA GLN B 125 0.79 -11.03 -12.43
C GLN B 125 1.97 -10.56 -11.56
N LEU B 126 2.68 -11.50 -10.92
CA LEU B 126 3.79 -11.12 -10.02
C LEU B 126 4.91 -10.37 -10.75
N ASP B 127 4.98 -10.55 -12.07
CA ASP B 127 6.00 -9.86 -12.88
C ASP B 127 5.75 -8.35 -12.98
N LYS B 128 4.55 -7.93 -12.61
CA LYS B 128 4.16 -6.51 -12.61
C LYS B 128 4.68 -5.77 -11.37
N MET B 129 5.07 -6.53 -10.33
CA MET B 129 5.54 -5.88 -9.10
C MET B 129 6.89 -5.18 -9.37
N LYS B 130 7.12 -4.05 -8.69
CA LYS B 130 8.34 -3.25 -8.88
C LYS B 130 8.94 -2.89 -7.53
N LYS B 131 10.22 -2.54 -7.51
CA LYS B 131 10.79 -2.02 -6.25
C LYS B 131 9.94 -0.86 -5.72
N GLY B 132 9.75 -0.90 -4.41
CA GLY B 132 8.98 0.14 -3.71
C GLY B 132 7.54 -0.29 -3.51
N ASP B 133 7.08 -1.32 -4.22
CA ASP B 133 5.68 -1.79 -3.99
C ASP B 133 5.57 -2.40 -2.59
N ILE B 134 4.39 -2.29 -2.01
CA ILE B 134 4.17 -2.79 -0.63
C ILE B 134 3.13 -3.89 -0.63
N PHE B 135 3.43 -5.00 0.03
CA PHE B 135 2.44 -6.06 0.25
C PHE B 135 2.28 -6.34 1.74
N TYR B 136 1.14 -6.95 2.10
CA TYR B 136 0.78 -7.13 3.50
C TYR B 136 0.51 -8.57 3.81
N LEU B 137 1.08 -9.05 4.91
CA LEU B 137 0.78 -10.42 5.40
C LEU B 137 -0.21 -10.31 6.55
N HIS B 138 -1.41 -10.90 6.37
CA HIS B 138 -2.42 -10.87 7.40
C HIS B 138 -2.33 -12.20 8.11
N VAL B 139 -1.90 -12.17 9.37
CA VAL B 139 -1.63 -13.42 10.13
C VAL B 139 -2.21 -13.19 11.52
N LEU B 140 -2.95 -14.18 11.99
CA LEU B 140 -3.84 -13.98 13.15
C LEU B 140 -4.49 -12.60 13.07
N ASP B 141 -4.31 -11.77 14.10
CA ASP B 141 -4.97 -10.45 14.16
C ASP B 141 -3.98 -9.35 13.81
N GLN B 142 -2.85 -9.72 13.24
CA GLN B 142 -1.78 -8.76 12.92
C GLN B 142 -1.68 -8.58 11.41
N VAL B 143 -1.16 -7.42 10.98
CA VAL B 143 -0.89 -7.19 9.57
C VAL B 143 0.52 -6.64 9.47
N LEU B 144 1.38 -7.33 8.72
CA LEU B 144 2.82 -6.98 8.57
C LEU B 144 3.05 -6.43 7.17
N ALA B 145 3.62 -5.24 7.06
CA ALA B 145 3.87 -4.65 5.71
C ALA B 145 5.33 -4.91 5.31
N TYR B 146 5.54 -5.24 4.03
CA TYR B 146 6.86 -5.44 3.43
C TYR B 146 6.95 -4.65 2.16
N GLN B 147 8.10 -3.99 1.96
CA GLN B 147 8.29 -3.19 0.77
C GLN B 147 9.38 -3.82 -0.11
N VAL B 148 9.04 -3.99 -1.38
CA VAL B 148 9.89 -4.73 -2.33
C VAL B 148 11.23 -4.00 -2.52
N ASP B 149 12.32 -4.74 -2.30
CA ASP B 149 13.66 -4.18 -2.45
C ASP B 149 14.55 -4.97 -3.41
N GLN B 150 14.09 -6.12 -3.87
CA GLN B 150 14.87 -6.94 -4.80
C GLN B 150 13.97 -7.91 -5.57
N ILE B 151 14.16 -7.99 -6.88
CA ILE B 151 13.42 -8.92 -7.72
C ILE B 151 14.46 -9.61 -8.61
N VAL B 152 14.50 -10.93 -8.49
CA VAL B 152 15.37 -11.74 -9.36
C VAL B 152 14.64 -12.94 -9.87
N THR B 153 15.15 -13.48 -10.98
CA THR B 153 14.71 -14.73 -11.54
C THR B 153 15.90 -15.71 -11.49
N VAL B 154 15.65 -16.93 -11.00
CA VAL B 154 16.75 -17.88 -10.80
C VAL B 154 16.37 -19.26 -11.32
N GLU B 155 17.37 -20.11 -11.59
CA GLU B 155 17.08 -21.52 -11.89
C GLU B 155 16.64 -22.16 -10.58
N PRO B 156 15.84 -23.24 -10.66
CA PRO B 156 15.44 -23.92 -9.43
C PRO B 156 16.62 -24.35 -8.52
N ASN B 157 17.81 -24.48 -9.10
CA ASN B 157 19.07 -24.79 -8.37
C ASN B 157 19.91 -23.61 -7.82
N ASP B 158 19.45 -22.38 -8.07
CA ASP B 158 20.19 -21.16 -7.69
C ASP B 158 19.45 -20.36 -6.61
N PHE B 159 19.10 -21.03 -5.50
CA PHE B 159 18.11 -20.53 -4.49
C PHE B 159 18.64 -19.85 -3.20
N GLU B 160 19.85 -19.31 -3.24
CA GLU B 160 20.42 -18.58 -2.09
C GLU B 160 19.61 -17.35 -1.65
N PRO B 161 18.88 -16.69 -2.59
CA PRO B 161 18.19 -15.45 -2.24
C PRO B 161 17.03 -15.60 -1.24
N VAL B 162 16.64 -16.83 -0.90
CA VAL B 162 15.56 -17.02 0.08
C VAL B 162 16.07 -17.40 1.48
N LEU B 163 17.38 -17.29 1.67
CA LEU B 163 17.99 -17.58 2.96
C LEU B 163 17.93 -16.40 3.90
N ILE B 164 17.91 -16.69 5.19
CA ILE B 164 17.89 -15.65 6.23
C ILE B 164 19.17 -14.81 6.21
N GLN B 165 19.01 -13.51 6.01
CA GLN B 165 20.13 -12.58 6.06
C GLN B 165 20.21 -11.94 7.44
N HIS B 166 21.34 -12.14 8.11
CA HIS B 166 21.50 -11.66 9.48
C HIS B 166 21.10 -10.18 9.59
N GLY B 167 20.35 -9.87 10.64
CA GLY B 167 19.92 -8.51 10.92
C GLY B 167 18.74 -7.98 10.12
N GLU B 168 18.13 -8.82 9.26
CA GLU B 168 16.98 -8.34 8.46
C GLU B 168 15.68 -9.10 8.68
N ASP B 169 14.56 -8.47 8.30
CA ASP B 169 13.21 -9.09 8.39
C ASP B 169 12.66 -9.02 6.96
N TYR B 170 12.68 -10.16 6.29
CA TYR B 170 12.28 -10.22 4.90
C TYR B 170 11.12 -11.18 4.66
N ALA B 171 10.45 -10.96 3.53
CA ALA B 171 9.45 -11.90 3.05
C ALA B 171 9.56 -11.95 1.54
N THR B 172 9.62 -13.16 0.98
CA THR B 172 9.75 -13.33 -0.48
C THR B 172 8.49 -14.00 -0.99
N LEU B 173 7.96 -13.48 -2.09
CA LEU B 173 6.88 -14.08 -2.88
C LEU B 173 7.52 -14.83 -4.05
N LEU B 174 7.19 -16.11 -4.19
CA LEU B 174 7.88 -17.02 -5.09
C LEU B 174 6.90 -17.60 -6.11
N THR B 175 7.21 -17.52 -7.40
CA THR B 175 6.35 -18.16 -8.42
C THR B 175 7.21 -18.68 -9.55
N CYS B 176 6.58 -19.33 -10.53
CA CYS B 176 7.34 -19.85 -11.66
CA CYS B 176 7.29 -19.87 -11.69
C CYS B 176 7.29 -18.89 -12.86
N THR B 177 8.27 -19.05 -13.76
CA THR B 177 8.46 -18.13 -14.88
C THR B 177 9.38 -18.79 -15.93
N PRO B 178 9.25 -18.43 -17.22
CA PRO B 178 8.26 -17.57 -17.84
C PRO B 178 6.90 -18.26 -17.78
N TYR B 179 5.84 -17.46 -17.89
CA TYR B 179 4.47 -17.97 -17.93
C TYR B 179 4.35 -19.17 -18.87
N MET B 180 4.01 -20.33 -18.29
CA MET B 180 3.74 -21.59 -19.02
C MET B 180 4.96 -22.41 -19.45
N ILE B 181 6.16 -21.89 -19.19
CA ILE B 181 7.38 -22.64 -19.47
C ILE B 181 7.92 -23.17 -18.15
N ASN B 182 7.92 -22.31 -17.14
CA ASN B 182 8.28 -22.68 -15.77
C ASN B 182 9.68 -23.28 -15.63
N SER B 183 10.61 -22.84 -16.47
CA SER B 183 12.00 -23.23 -16.35
C SER B 183 12.68 -22.58 -15.13
N HIS B 184 12.22 -21.40 -14.75
CA HIS B 184 12.88 -20.58 -13.73
C HIS B 184 11.90 -20.14 -12.65
N ARG B 185 12.43 -19.51 -11.60
CA ARG B 185 11.58 -19.04 -10.50
C ARG B 185 11.75 -17.55 -10.32
N LEU B 186 10.64 -16.86 -10.15
CA LEU B 186 10.64 -15.42 -9.92
C LEU B 186 10.49 -15.17 -8.42
N LEU B 187 11.40 -14.37 -7.85
CA LEU B 187 11.47 -14.14 -6.39
C LEU B 187 11.36 -12.65 -6.13
N VAL B 188 10.26 -12.24 -5.51
CA VAL B 188 10.00 -10.81 -5.21
C VAL B 188 10.20 -10.66 -3.70
N ARG B 189 11.28 -9.99 -3.31
CA ARG B 189 11.65 -9.87 -1.88
C ARG B 189 11.22 -8.52 -1.35
N GLY B 190 10.52 -8.51 -0.22
CA GLY B 190 10.22 -7.27 0.51
C GLY B 190 10.89 -7.25 1.88
N LYS B 191 11.12 -6.03 2.37
CA LYS B 191 11.73 -5.85 3.67
C LYS B 191 10.69 -5.17 4.55
N ARG B 192 10.66 -5.58 5.82
CA ARG B 192 9.65 -5.05 6.75
C ARG B 192 9.71 -3.51 6.87
N ILE B 193 8.52 -2.90 6.89
CA ILE B 193 8.42 -1.46 7.17
C ILE B 193 7.37 -1.29 8.27
N PRO B 194 7.39 -0.15 8.99
CA PRO B 194 6.49 0.04 10.12
C PRO B 194 5.07 0.12 9.65
N TYR B 195 4.22 -0.71 10.25
CA TYR B 195 2.77 -0.68 9.98
C TYR B 195 2.06 -1.51 11.05
N THR B 196 0.95 -0.98 11.57
CA THR B 196 0.08 -1.71 12.47
C THR B 196 -1.34 -1.56 11.96
N ALA B 197 -2.12 -2.64 11.96
CA ALA B 197 -3.52 -2.60 11.56
C ALA B 197 -4.27 -1.60 12.46
N PRO B 198 -5.17 -0.79 11.87
CA PRO B 198 -5.98 0.11 12.71
C PRO B 198 -6.80 -0.63 13.77
N ILE B 199 -7.03 0.05 14.90
CA ILE B 199 -7.56 -0.59 16.11
C ILE B 199 -8.73 0.21 16.68
O1 MES C . 5.71 4.60 -2.85
C2 MES C . 5.56 4.40 -4.24
C3 MES C . 5.29 2.92 -4.49
N4 MES C . 4.13 2.53 -3.72
C5 MES C . 3.87 3.04 -2.36
C6 MES C . 4.50 4.42 -2.12
C7 MES C . 3.29 1.47 -4.38
C8 MES C . 2.60 0.52 -3.42
S MES C . 1.44 -0.55 -4.08
O1S MES C . 0.77 -0.41 -2.76
O2S MES C . 2.47 -1.61 -4.18
O3S MES C . 1.21 0.39 -5.20
O1 MES D . -4.97 -3.16 5.32
C2 MES D . -3.61 -3.17 4.88
C3 MES D . -3.39 -2.12 3.80
N4 MES D . -4.50 -2.06 2.85
C5 MES D . -5.84 -2.57 3.13
C6 MES D . -5.86 -3.54 4.31
C7 MES D . -4.23 -1.22 1.64
C8 MES D . -5.20 -1.35 0.44
S MES D . -4.83 -0.29 -0.85
O1S MES D . -3.42 -0.60 -0.78
O2S MES D . -5.33 0.90 -0.17
O3S MES D . -5.74 -0.89 -1.83
#